data_3MO7
#
_entry.id   3MO7
#
_cell.length_a   78.499
_cell.length_b   116.035
_cell.length_c   62.103
_cell.angle_alpha   90.00
_cell.angle_beta   90.00
_cell.angle_gamma   90.00
#
_symmetry.space_group_name_H-M   'C 2 2 21'
#
loop_
_entity.id
_entity.type
_entity.pdbx_description
1 polymer "Uridine 5'-monophosphate synthase"
2 non-polymer "2'-deoxy-2'-fluorouridine 5'-(dihydrogen phosphate)"
3 non-polymer GLYCEROL
4 water water
#
_entity_poly.entity_id   1
_entity_poly.type   'polypeptide(L)'
_entity_poly.pdbx_seq_one_letter_code
;MGSSHHHHHHSSGLVPRGSHMKELSFGARAELPRIHPVASKLLRLMQKKETNLCLSADVSLARELLQLADALGPSICMLK
THVDILNDFTLDVMKELITLAKCHEFLIFEDRKFADIGNTVKKQYEGGIFKIASWADLVNAHVVPGSGVVKGLQEVGLPL
HRGCLLIAEMSSTGSLATGDYTRAAVRMAEEHSEFVVGFISGSRVSMKPEFLHLTPGVQLEAGGDNLGQQYNSPQEVIGK
RGSDIIIVGRGIISAADRLEAAEMYRKAAWEAYLSRLGV
;
_entity_poly.pdbx_strand_id   A
#
loop_
_chem_comp.id
_chem_comp.type
_chem_comp.name
_chem_comp.formula
GOL non-polymer GLYCEROL 'C3 H8 O3'
UFT DNA linking '2'-deoxy-2'-fluorouridine 5'-(dihydrogen phosphate)' 'C9 H12 F N2 O8 P'
#
# COMPACT_ATOMS: atom_id res chain seq x y z
N LYS A 22 -8.52 3.39 24.47
CA LYS A 22 -7.24 3.28 23.72
C LYS A 22 -7.43 2.99 22.21
N GLU A 23 -6.51 3.51 21.41
N GLU A 23 -6.49 3.51 21.42
CA GLU A 23 -6.29 3.01 20.06
CA GLU A 23 -6.24 3.01 20.08
C GLU A 23 -5.94 1.53 20.18
C GLU A 23 -5.94 1.52 20.19
N LEU A 24 -6.45 0.75 19.23
CA LEU A 24 -6.24 -0.67 19.21
C LEU A 24 -4.94 -0.97 18.49
N SER A 25 -4.23 -1.98 18.96
CA SER A 25 -3.06 -2.48 18.26
C SER A 25 -3.45 -3.03 16.88
N PHE A 26 -2.45 -3.19 16.01
CA PHE A 26 -2.67 -3.83 14.73
C PHE A 26 -3.31 -5.22 14.92
N GLY A 27 -2.84 -5.98 15.90
CA GLY A 27 -3.39 -7.34 16.14
C GLY A 27 -4.87 -7.31 16.52
N ALA A 28 -5.26 -6.34 17.34
CA ALA A 28 -6.66 -6.24 17.73
C ALA A 28 -7.49 -5.72 16.55
N ARG A 29 -6.96 -4.76 15.79
CA ARG A 29 -7.68 -4.29 14.59
C ARG A 29 -7.94 -5.41 13.59
N ALA A 30 -7.02 -6.37 13.50
CA ALA A 30 -7.19 -7.55 12.63
C ALA A 30 -8.42 -8.38 12.96
N GLU A 31 -8.97 -8.20 14.17
CA GLU A 31 -10.12 -8.96 14.62
C GLU A 31 -11.41 -8.17 14.60
N LEU A 32 -11.38 -6.90 14.19
CA LEU A 32 -12.60 -6.08 14.25
C LEU A 32 -13.74 -6.72 13.46
N PRO A 33 -15.00 -6.59 13.93
CA PRO A 33 -16.14 -7.21 13.25
C PRO A 33 -16.21 -6.90 11.74
N ARG A 34 -15.93 -5.65 11.37
CA ARG A 34 -16.12 -5.23 9.98
C ARG A 34 -14.81 -5.26 9.19
N ILE A 35 -13.76 -5.85 9.75
CA ILE A 35 -12.47 -5.89 9.04
C ILE A 35 -12.58 -6.69 7.74
N HIS A 36 -11.92 -6.20 6.70
CA HIS A 36 -11.83 -6.95 5.45
C HIS A 36 -10.78 -8.04 5.61
N PRO A 37 -11.01 -9.23 5.06
CA PRO A 37 -10.02 -10.31 5.19
C PRO A 37 -8.59 -9.98 4.75
N VAL A 38 -8.43 -9.15 3.72
CA VAL A 38 -7.09 -8.78 3.25
C VAL A 38 -6.44 -7.85 4.28
N ALA A 39 -7.22 -6.92 4.82
CA ALA A 39 -6.73 -6.03 5.88
C ALA A 39 -6.35 -6.84 7.12
N SER A 40 -7.15 -7.85 7.46
N SER A 40 -7.18 -7.84 7.45
CA SER A 40 -6.87 -8.67 8.62
CA SER A 40 -6.91 -8.73 8.58
C SER A 40 -5.56 -9.46 8.45
C SER A 40 -5.56 -9.41 8.42
N LYS A 41 -5.35 -10.03 7.26
CA LYS A 41 -4.11 -10.75 7.00
C LYS A 41 -2.89 -9.81 7.11
N LEU A 42 -3.03 -8.62 6.54
CA LEU A 42 -1.95 -7.62 6.59
C LEU A 42 -1.65 -7.21 8.03
N LEU A 43 -2.69 -6.84 8.78
CA LEU A 43 -2.51 -6.44 10.16
C LEU A 43 -1.85 -7.51 11.03
N ARG A 44 -2.21 -8.78 10.82
N ARG A 44 -2.24 -8.77 10.81
N ARG A 44 -2.27 -8.77 10.82
CA ARG A 44 -1.62 -9.87 11.60
CA ARG A 44 -1.65 -9.89 11.56
CA ARG A 44 -1.66 -9.88 11.54
C ARG A 44 -0.17 -10.15 11.24
C ARG A 44 -0.17 -10.04 11.25
C ARG A 44 -0.17 -9.95 11.27
N LEU A 45 0.21 -9.90 9.99
CA LEU A 45 1.62 -10.04 9.65
C LEU A 45 2.46 -8.84 10.08
N MET A 46 1.87 -7.65 10.09
N MET A 46 1.81 -7.68 10.17
CA MET A 46 2.57 -6.45 10.60
CA MET A 46 2.41 -6.49 10.76
C MET A 46 2.95 -6.70 12.05
C MET A 46 2.68 -6.66 12.24
N GLN A 47 1.96 -7.17 12.82
N GLN A 47 1.77 -7.28 12.98
CA GLN A 47 2.13 -7.46 14.23
CA GLN A 47 2.04 -7.50 14.39
C GLN A 47 3.18 -8.54 14.46
C GLN A 47 3.08 -8.60 14.58
N LYS A 48 3.04 -9.64 13.74
CA LYS A 48 3.97 -10.77 13.87
C LYS A 48 5.41 -10.37 13.58
N LYS A 49 5.60 -9.58 12.53
CA LYS A 49 6.92 -9.25 12.02
C LYS A 49 7.48 -7.94 12.56
N GLU A 50 6.67 -7.20 13.29
CA GLU A 50 7.05 -5.86 13.78
C GLU A 50 7.51 -4.97 12.65
N THR A 51 6.66 -4.94 11.63
CA THR A 51 6.93 -4.01 10.48
C THR A 51 5.63 -3.41 9.93
N ASN A 52 5.68 -2.09 9.75
CA ASN A 52 4.65 -1.31 9.07
C ASN A 52 5.27 -0.51 7.91
N LEU A 53 6.25 -1.16 7.27
CA LEU A 53 6.96 -0.62 6.11
C LEU A 53 6.50 -1.33 4.83
N CYS A 54 6.08 -0.53 3.85
CA CYS A 54 5.81 -1.03 2.50
C CYS A 54 6.95 -0.56 1.58
N LEU A 55 7.66 -1.50 0.98
CA LEU A 55 8.72 -1.15 0.02
C LEU A 55 8.09 -0.75 -1.31
N SER A 56 8.42 0.46 -1.78
CA SER A 56 8.02 0.88 -3.14
C SER A 56 9.14 0.45 -4.07
N ALA A 57 8.96 -0.70 -4.70
CA ALA A 57 10.03 -1.34 -5.47
C ALA A 57 10.11 -0.78 -6.88
N ASP A 58 10.57 0.47 -6.95
CA ASP A 58 10.51 1.25 -8.18
C ASP A 58 11.77 1.03 -8.99
N VAL A 59 11.84 -0.14 -9.62
CA VAL A 59 12.95 -0.57 -10.44
C VAL A 59 12.41 -1.02 -11.78
N SER A 60 13.25 -1.08 -12.80
N SER A 60 13.29 -1.10 -12.78
CA SER A 60 12.77 -1.44 -14.14
CA SER A 60 12.91 -1.44 -14.16
C SER A 60 13.19 -2.84 -14.62
C SER A 60 13.18 -2.90 -14.53
N LEU A 61 13.93 -3.57 -13.79
N LEU A 61 13.94 -3.59 -13.69
CA LEU A 61 14.39 -4.93 -14.12
CA LEU A 61 14.47 -4.91 -14.00
C LEU A 61 13.84 -5.96 -13.16
C LEU A 61 13.85 -5.98 -13.11
N ALA A 62 13.28 -7.04 -13.70
CA ALA A 62 12.74 -8.15 -12.93
C ALA A 62 13.75 -8.70 -11.94
N ARG A 63 15.01 -8.89 -12.34
CA ARG A 63 16.01 -9.45 -11.44
C ARG A 63 16.18 -8.58 -10.20
N GLU A 64 16.22 -7.26 -10.38
N GLU A 64 16.19 -7.27 -10.38
CA GLU A 64 16.38 -6.37 -9.23
CA GLU A 64 16.34 -6.37 -9.24
C GLU A 64 15.13 -6.38 -8.35
C GLU A 64 15.12 -6.40 -8.35
N LEU A 65 13.94 -6.40 -8.97
CA LEU A 65 12.69 -6.51 -8.21
C LEU A 65 12.71 -7.76 -7.31
N LEU A 66 13.07 -8.89 -7.89
CA LEU A 66 13.03 -10.14 -7.15
C LEU A 66 14.17 -10.22 -6.12
N GLN A 67 15.35 -9.71 -6.45
CA GLN A 67 16.43 -9.68 -5.46
C GLN A 67 16.09 -8.78 -4.26
N LEU A 68 15.44 -7.65 -4.52
CA LEU A 68 14.98 -6.79 -3.43
C LEU A 68 13.87 -7.46 -2.61
N ALA A 69 12.89 -8.06 -3.29
CA ALA A 69 11.80 -8.73 -2.59
C ALA A 69 12.32 -9.84 -1.67
N ASP A 70 13.32 -10.59 -2.13
CA ASP A 70 13.87 -11.66 -1.31
C ASP A 70 14.66 -11.13 -0.11
N ALA A 71 15.58 -10.20 -0.33
CA ALA A 71 16.43 -9.70 0.74
C ALA A 71 15.67 -8.86 1.75
N LEU A 72 14.72 -8.06 1.26
CA LEU A 72 13.97 -7.16 2.14
C LEU A 72 12.65 -7.73 2.62
N GLY A 73 12.26 -8.90 2.10
CA GLY A 73 10.99 -9.50 2.50
C GLY A 73 10.74 -9.59 4.00
N PRO A 74 11.74 -10.08 4.77
CA PRO A 74 11.53 -10.14 6.23
C PRO A 74 11.32 -8.80 6.91
N SER A 75 11.74 -7.71 6.27
CA SER A 75 11.63 -6.38 6.87
C SER A 75 10.35 -5.61 6.54
N ILE A 76 9.53 -6.15 5.63
CA ILE A 76 8.40 -5.38 5.07
C ILE A 76 7.06 -6.09 5.29
N CYS A 77 6.00 -5.30 5.37
CA CYS A 77 4.67 -5.90 5.42
C CYS A 77 4.05 -6.01 4.02
N MET A 78 4.69 -5.36 3.05
N MET A 78 4.63 -5.30 3.07
CA MET A 78 4.07 -5.15 1.75
CA MET A 78 4.06 -5.26 1.73
C MET A 78 5.16 -4.75 0.77
C MET A 78 5.09 -4.72 0.76
N LEU A 79 5.00 -5.23 -0.46
CA LEU A 79 5.86 -4.84 -1.56
C LEU A 79 4.94 -4.21 -2.60
N LYS A 80 5.23 -2.96 -2.93
CA LYS A 80 4.43 -2.20 -3.88
C LYS A 80 5.14 -2.17 -5.22
N THR A 81 4.39 -2.50 -6.29
CA THR A 81 4.91 -2.55 -7.66
C THR A 81 4.33 -1.47 -8.54
N HIS A 82 5.07 -1.14 -9.60
CA HIS A 82 4.50 -0.54 -10.82
C HIS A 82 4.87 -1.47 -11.95
N VAL A 83 4.06 -2.46 -12.26
N VAL A 83 3.96 -2.38 -12.24
CA VAL A 83 4.53 -3.38 -13.30
CA VAL A 83 4.18 -3.41 -13.26
C VAL A 83 4.64 -2.71 -14.67
C VAL A 83 4.45 -2.80 -14.64
N ASP A 84 3.92 -1.60 -14.87
CA ASP A 84 4.02 -0.88 -16.13
C ASP A 84 5.34 -0.16 -16.34
N ILE A 85 6.25 -0.27 -15.39
N ILE A 85 6.27 -0.24 -15.38
CA ILE A 85 7.60 0.26 -15.56
CA ILE A 85 7.64 0.27 -15.61
C ILE A 85 8.60 -0.88 -15.75
C ILE A 85 8.68 -0.84 -15.66
N LEU A 86 8.19 -2.12 -15.49
N LEU A 86 8.25 -2.09 -15.61
CA LEU A 86 9.11 -3.22 -15.69
CA LEU A 86 9.17 -3.22 -15.60
C LEU A 86 9.40 -3.41 -17.16
C LEU A 86 9.45 -3.64 -17.04
N ASN A 87 10.68 -3.35 -17.51
CA ASN A 87 11.05 -3.54 -18.91
C ASN A 87 10.89 -4.96 -19.38
N ASP A 88 11.03 -5.91 -18.45
CA ASP A 88 11.01 -7.34 -18.79
C ASP A 88 9.92 -8.07 -18.00
N PHE A 89 8.79 -7.38 -17.81
CA PHE A 89 7.63 -8.03 -17.22
C PHE A 89 7.26 -9.31 -17.98
N THR A 90 6.97 -10.37 -17.22
CA THR A 90 6.21 -11.49 -17.73
C THR A 90 5.39 -11.99 -16.54
N LEU A 91 4.39 -12.82 -16.79
CA LEU A 91 3.59 -13.36 -15.69
C LEU A 91 4.42 -14.31 -14.82
N ASP A 92 5.45 -14.93 -15.39
N ASP A 92 5.45 -14.92 -15.40
CA ASP A 92 6.33 -15.81 -14.59
CA ASP A 92 6.32 -15.78 -14.62
C ASP A 92 7.16 -15.01 -13.57
C ASP A 92 7.03 -14.97 -13.54
N VAL A 93 7.42 -13.74 -13.86
CA VAL A 93 8.08 -12.87 -12.89
C VAL A 93 7.15 -12.72 -11.69
N MET A 94 5.85 -12.53 -11.94
N MET A 94 5.87 -12.51 -11.98
CA MET A 94 4.92 -12.30 -10.85
CA MET A 94 4.87 -12.35 -10.94
C MET A 94 4.64 -13.56 -10.03
C MET A 94 4.75 -13.63 -10.11
N LYS A 95 4.67 -14.73 -10.67
N LYS A 95 4.87 -14.78 -10.77
CA LYS A 95 4.58 -15.99 -9.95
CA LYS A 95 4.90 -16.05 -10.07
C LYS A 95 5.74 -16.12 -8.96
C LYS A 95 6.07 -16.14 -9.09
N GLU A 96 6.96 -15.82 -9.42
N GLU A 96 7.25 -15.71 -9.52
CA GLU A 96 8.13 -15.81 -8.54
CA GLU A 96 8.39 -15.71 -8.63
C GLU A 96 7.94 -14.83 -7.40
C GLU A 96 8.20 -14.73 -7.47
N LEU A 97 7.48 -13.63 -7.70
CA LEU A 97 7.23 -12.64 -6.64
C LEU A 97 6.24 -13.19 -5.62
N ILE A 98 5.18 -13.85 -6.09
CA ILE A 98 4.24 -14.50 -5.18
C ILE A 98 4.92 -15.54 -4.28
N THR A 99 5.81 -16.34 -4.85
CA THR A 99 6.57 -17.30 -4.05
C THR A 99 7.31 -16.58 -2.91
N LEU A 100 7.97 -15.45 -3.20
CA LEU A 100 8.67 -14.69 -2.16
C LEU A 100 7.73 -14.08 -1.15
N ALA A 101 6.60 -13.57 -1.65
CA ALA A 101 5.58 -13.02 -0.75
C ALA A 101 5.07 -14.04 0.27
N LYS A 102 4.88 -15.27 -0.21
CA LYS A 102 4.42 -16.36 0.67
C LYS A 102 5.52 -16.79 1.63
N CYS A 103 6.75 -16.90 1.13
N CYS A 103 6.74 -16.94 1.15
CA CYS A 103 7.95 -17.28 1.91
CA CYS A 103 7.84 -17.30 2.05
C CYS A 103 8.26 -16.31 3.05
C CYS A 103 8.00 -16.26 3.15
N HIS A 104 8.22 -15.01 2.73
CA HIS A 104 8.60 -13.97 3.69
C HIS A 104 7.42 -13.34 4.41
N GLU A 105 6.21 -13.61 3.93
CA GLU A 105 4.96 -13.10 4.46
C GLU A 105 4.80 -11.59 4.28
N PHE A 106 4.55 -11.18 3.04
CA PHE A 106 4.19 -9.79 2.76
C PHE A 106 3.09 -9.81 1.71
N LEU A 107 2.32 -8.73 1.64
CA LEU A 107 1.31 -8.59 0.56
C LEU A 107 1.93 -7.90 -0.66
N ILE A 108 1.36 -8.17 -1.83
CA ILE A 108 1.75 -7.48 -3.07
C ILE A 108 0.70 -6.44 -3.42
N PHE A 109 1.14 -5.20 -3.62
CA PHE A 109 0.28 -4.06 -3.89
C PHE A 109 0.69 -3.42 -5.20
N GLU A 110 -0.15 -3.54 -6.24
CA GLU A 110 0.11 -2.85 -7.51
C GLU A 110 -0.44 -1.44 -7.47
N ASP A 111 0.49 -0.48 -7.58
CA ASP A 111 0.21 0.94 -7.38
C ASP A 111 -0.27 1.56 -8.70
N ARG A 112 -1.35 0.99 -9.25
CA ARG A 112 -1.81 1.35 -10.60
C ARG A 112 -2.67 2.63 -10.61
N LYS A 113 -3.14 3.10 -9.40
CA LYS A 113 -3.80 4.42 -9.38
C LYS A 113 -4.82 4.53 -10.51
N PHE A 114 -5.74 3.47 -10.54
CA PHE A 114 -6.83 3.46 -11.54
C PHE A 114 -7.62 4.77 -11.48
N ALA A 115 -8.02 5.27 -12.65
CA ALA A 115 -8.63 6.61 -12.70
C ALA A 115 -9.42 6.75 -14.00
N ASP A 116 -10.27 5.78 -14.26
CA ASP A 116 -11.14 5.82 -15.43
C ASP A 116 -12.52 5.35 -14.98
N ILE A 117 -13.44 5.32 -15.93
CA ILE A 117 -14.79 4.88 -15.66
C ILE A 117 -14.80 3.41 -15.29
N GLY A 118 -15.83 3.01 -14.55
CA GLY A 118 -15.93 1.62 -14.10
C GLY A 118 -15.77 0.56 -15.18
N ASN A 119 -16.40 0.75 -16.33
CA ASN A 119 -16.34 -0.28 -17.37
C ASN A 119 -14.91 -0.51 -17.85
N THR A 120 -14.13 0.57 -17.89
CA THR A 120 -12.75 0.50 -18.33
C THR A 120 -11.82 -0.06 -17.27
N VAL A 121 -11.93 0.43 -16.04
CA VAL A 121 -10.97 -0.06 -15.03
C VAL A 121 -11.15 -1.55 -14.76
N LYS A 122 -12.35 -2.11 -14.95
N LYS A 122 -12.38 -2.03 -14.91
CA LYS A 122 -12.46 -3.56 -14.71
CA LYS A 122 -12.67 -3.45 -14.76
C LYS A 122 -11.61 -4.33 -15.72
C LYS A 122 -11.73 -4.25 -15.65
N LYS A 123 -11.57 -3.80 -16.94
N LYS A 123 -11.60 -3.82 -16.92
CA LYS A 123 -10.80 -4.41 -18.00
CA LYS A 123 -10.76 -4.53 -17.88
C LYS A 123 -9.31 -4.27 -17.73
C LYS A 123 -9.28 -4.30 -17.66
N GLN A 124 -8.91 -3.09 -17.25
CA GLN A 124 -7.51 -2.80 -16.97
C GLN A 124 -7.01 -3.61 -15.76
N TYR A 125 -7.93 -3.93 -14.85
CA TYR A 125 -7.57 -4.70 -13.65
C TYR A 125 -7.47 -6.19 -13.92
N GLU A 126 -8.38 -6.73 -14.73
CA GLU A 126 -8.42 -8.18 -14.94
C GLU A 126 -7.57 -8.62 -16.13
N GLY A 127 -7.43 -7.77 -17.13
CA GLY A 127 -7.01 -8.24 -18.45
C GLY A 127 -5.73 -7.64 -18.95
N GLY A 128 -5.64 -7.49 -20.27
CA GLY A 128 -4.41 -7.05 -20.89
C GLY A 128 -3.26 -8.00 -20.62
N ILE A 129 -2.05 -7.54 -20.84
N ILE A 129 -2.04 -7.54 -20.81
CA ILE A 129 -0.85 -8.35 -20.60
CA ILE A 129 -0.91 -8.42 -20.60
C ILE A 129 -0.64 -8.62 -19.11
C ILE A 129 -0.53 -8.58 -19.12
N PHE A 130 -0.91 -7.61 -18.28
CA PHE A 130 -0.48 -7.67 -16.88
C PHE A 130 -1.33 -8.55 -16.00
N LYS A 131 -2.61 -8.71 -16.31
CA LYS A 131 -3.52 -9.52 -15.47
C LYS A 131 -3.34 -9.18 -13.98
N ILE A 132 -3.41 -7.90 -13.64
CA ILE A 132 -3.09 -7.42 -12.29
C ILE A 132 -3.83 -8.20 -11.21
N ALA A 133 -5.13 -8.42 -11.40
CA ALA A 133 -5.95 -9.03 -10.36
C ALA A 133 -5.51 -10.47 -10.05
N SER A 134 -4.80 -11.10 -10.98
CA SER A 134 -4.35 -12.49 -10.75
C SER A 134 -3.23 -12.61 -9.74
N TRP A 135 -2.49 -11.53 -9.49
CA TRP A 135 -1.33 -11.59 -8.56
C TRP A 135 -1.30 -10.50 -7.49
N ALA A 136 -2.08 -9.42 -7.64
CA ALA A 136 -1.99 -8.34 -6.65
C ALA A 136 -3.02 -8.50 -5.55
N ASP A 137 -2.57 -8.56 -4.30
CA ASP A 137 -3.51 -8.59 -3.17
C ASP A 137 -4.28 -7.29 -3.10
N LEU A 138 -3.57 -6.18 -3.31
CA LEU A 138 -4.11 -4.85 -3.24
C LEU A 138 -3.81 -4.07 -4.50
N VAL A 139 -4.78 -3.22 -4.85
CA VAL A 139 -4.59 -2.16 -5.84
C VAL A 139 -5.14 -0.87 -5.24
N ASN A 140 -4.93 0.24 -5.93
CA ASN A 140 -5.51 1.51 -5.51
C ASN A 140 -6.17 2.24 -6.65
N ALA A 141 -7.04 3.17 -6.29
CA ALA A 141 -7.85 3.89 -7.24
C ALA A 141 -8.03 5.32 -6.78
N HIS A 142 -7.99 6.23 -7.76
CA HIS A 142 -8.42 7.60 -7.56
C HIS A 142 -9.94 7.69 -7.51
N VAL A 143 -10.42 8.68 -6.73
CA VAL A 143 -11.86 8.83 -6.57
C VAL A 143 -12.49 9.84 -7.52
N VAL A 144 -11.64 10.53 -8.29
CA VAL A 144 -12.14 11.56 -9.21
C VAL A 144 -13.26 11.08 -10.18
N PRO A 145 -13.26 9.81 -10.64
CA PRO A 145 -14.35 9.45 -11.57
C PRO A 145 -15.72 9.27 -10.93
N GLY A 146 -15.78 9.35 -9.59
CA GLY A 146 -16.98 8.92 -8.86
C GLY A 146 -16.95 7.44 -8.57
N SER A 147 -17.98 6.95 -7.86
CA SER A 147 -17.88 5.63 -7.27
C SER A 147 -17.94 4.49 -8.28
N GLY A 148 -18.28 4.78 -9.53
CA GLY A 148 -18.21 3.75 -10.56
C GLY A 148 -16.81 3.15 -10.69
N VAL A 149 -15.77 3.94 -10.38
CA VAL A 149 -14.41 3.34 -10.45
C VAL A 149 -14.29 2.17 -9.49
N VAL A 150 -14.85 2.31 -8.30
CA VAL A 150 -14.82 1.25 -7.30
C VAL A 150 -15.74 0.11 -7.69
N LYS A 151 -16.93 0.44 -8.19
CA LYS A 151 -17.86 -0.61 -8.64
C LYS A 151 -17.27 -1.46 -9.74
N GLY A 152 -16.54 -0.83 -10.66
CA GLY A 152 -15.93 -1.57 -11.74
C GLY A 152 -14.83 -2.51 -11.26
N LEU A 153 -13.95 -1.98 -10.43
CA LEU A 153 -12.87 -2.81 -9.90
C LEU A 153 -13.44 -3.98 -9.08
N GLN A 154 -14.46 -3.69 -8.27
CA GLN A 154 -14.99 -4.72 -7.37
C GLN A 154 -15.66 -5.87 -8.11
N GLU A 155 -16.16 -5.60 -9.32
N GLU A 155 -16.13 -5.63 -9.33
CA GLU A 155 -16.70 -6.66 -10.17
CA GLU A 155 -16.71 -6.71 -10.15
C GLU A 155 -15.67 -7.77 -10.31
C GLU A 155 -15.68 -7.77 -10.54
N VAL A 156 -14.41 -7.39 -10.53
CA VAL A 156 -13.31 -8.33 -10.67
C VAL A 156 -12.75 -8.71 -9.29
N GLY A 157 -12.56 -7.74 -8.38
CA GLY A 157 -11.79 -7.95 -7.18
C GLY A 157 -12.52 -8.72 -6.10
N LEU A 158 -13.82 -8.52 -5.98
CA LEU A 158 -14.55 -9.27 -4.97
C LEU A 158 -14.49 -10.80 -5.21
N PRO A 159 -14.84 -11.27 -6.43
CA PRO A 159 -14.70 -12.73 -6.63
C PRO A 159 -13.30 -13.28 -6.43
N LEU A 160 -12.28 -12.42 -6.66
CA LEU A 160 -10.89 -12.86 -6.46
C LEU A 160 -10.37 -12.59 -5.03
N HIS A 161 -11.27 -12.12 -4.17
N HIS A 161 -11.27 -12.22 -4.15
CA HIS A 161 -10.97 -11.93 -2.76
CA HIS A 161 -10.93 -11.91 -2.77
C HIS A 161 -9.92 -10.84 -2.50
C HIS A 161 -9.79 -10.89 -2.61
N ARG A 162 -9.85 -9.84 -3.40
CA ARG A 162 -8.81 -8.80 -3.34
C ARG A 162 -9.29 -7.62 -2.55
N GLY A 163 -8.39 -6.67 -2.30
CA GLY A 163 -8.83 -5.40 -1.70
C GLY A 163 -8.31 -4.18 -2.46
N CYS A 164 -8.86 -3.03 -2.12
CA CYS A 164 -8.52 -1.78 -2.81
C CYS A 164 -8.30 -0.67 -1.81
N LEU A 165 -7.38 0.24 -2.13
CA LEU A 165 -7.18 1.46 -1.35
C LEU A 165 -7.64 2.65 -2.18
N LEU A 166 -8.29 3.62 -1.56
CA LEU A 166 -8.70 4.83 -2.28
C LEU A 166 -7.73 5.97 -2.00
N ILE A 167 -7.40 6.75 -3.01
CA ILE A 167 -6.41 7.83 -2.87
C ILE A 167 -7.12 9.06 -2.37
N ALA A 168 -7.05 9.25 -1.05
CA ALA A 168 -7.75 10.37 -0.39
C ALA A 168 -6.91 11.65 -0.34
N GLU A 169 -5.59 11.50 -0.32
CA GLU A 169 -4.64 12.62 -0.36
C GLU A 169 -3.43 12.16 -1.17
N MET A 170 -2.73 13.12 -1.79
CA MET A 170 -1.47 12.81 -2.48
C MET A 170 -0.33 13.58 -1.86
N SER A 171 0.88 13.04 -2.04
CA SER A 171 2.08 13.62 -1.41
C SER A 171 2.71 14.76 -2.20
N SER A 172 2.23 15.00 -3.42
CA SER A 172 2.94 15.88 -4.34
C SER A 172 2.46 17.34 -4.25
N THR A 173 3.35 18.24 -4.65
N THR A 173 3.34 18.26 -4.62
CA THR A 173 3.10 19.68 -4.63
CA THR A 173 3.01 19.67 -4.55
C THR A 173 1.94 20.06 -5.56
C THR A 173 1.90 20.00 -5.52
N GLY A 174 0.95 20.79 -5.04
CA GLY A 174 -0.18 21.18 -5.84
C GLY A 174 -1.29 20.13 -5.89
N SER A 175 -1.16 19.06 -5.10
CA SER A 175 -2.22 18.06 -5.07
C SER A 175 -3.59 18.70 -4.89
N LEU A 176 -4.57 18.23 -5.65
CA LEU A 176 -5.96 18.70 -5.53
C LEU A 176 -6.77 17.78 -4.64
N ALA A 177 -6.15 16.76 -4.07
CA ALA A 177 -6.86 15.81 -3.23
C ALA A 177 -6.90 16.32 -1.80
N THR A 178 -7.72 17.36 -1.62
CA THR A 178 -7.77 18.07 -0.34
C THR A 178 -9.23 18.36 -0.04
N GLY A 179 -9.52 18.79 1.20
CA GLY A 179 -10.86 19.30 1.53
C GLY A 179 -11.99 18.37 1.17
N ASP A 180 -12.96 18.87 0.40
CA ASP A 180 -14.13 18.08 0.04
C ASP A 180 -13.80 16.85 -0.80
N TYR A 181 -12.70 16.94 -1.55
CA TYR A 181 -12.27 15.78 -2.36
C TYR A 181 -11.87 14.64 -1.43
N THR A 182 -11.05 14.96 -0.43
CA THR A 182 -10.66 13.97 0.59
C THR A 182 -11.88 13.40 1.32
N ARG A 183 -12.81 14.27 1.69
CA ARG A 183 -14.03 13.80 2.35
C ARG A 183 -14.85 12.84 1.47
N ALA A 184 -14.92 13.13 0.17
CA ALA A 184 -15.61 12.23 -0.76
C ALA A 184 -14.94 10.87 -0.83
N ALA A 185 -13.61 10.85 -0.78
CA ALA A 185 -12.89 9.57 -0.78
C ALA A 185 -13.26 8.72 0.44
N VAL A 186 -13.32 9.36 1.60
CA VAL A 186 -13.68 8.66 2.82
C VAL A 186 -15.10 8.10 2.74
N ARG A 187 -16.05 8.91 2.28
N ARG A 187 -16.03 8.93 2.25
CA ARG A 187 -17.42 8.42 2.12
CA ARG A 187 -17.41 8.51 2.04
C ARG A 187 -17.47 7.22 1.18
C ARG A 187 -17.51 7.33 1.07
N MET A 188 -16.77 7.36 0.05
N MET A 188 -16.75 7.38 -0.02
CA MET A 188 -16.77 6.31 -0.95
CA MET A 188 -16.74 6.30 -0.99
C MET A 188 -16.21 5.00 -0.38
C MET A 188 -16.21 4.99 -0.37
N ALA A 189 -15.16 5.10 0.44
CA ALA A 189 -14.62 3.91 1.12
C ALA A 189 -15.65 3.26 2.07
N GLU A 190 -16.32 4.10 2.87
N GLU A 190 -16.35 4.11 2.81
CA GLU A 190 -17.36 3.61 3.78
CA GLU A 190 -17.29 3.62 3.82
C GLU A 190 -18.42 2.84 3.03
C GLU A 190 -18.59 3.08 3.20
N GLU A 191 -18.85 3.42 1.92
CA GLU A 191 -19.94 2.85 1.13
C GLU A 191 -19.56 1.60 0.33
N HIS A 192 -18.27 1.28 0.27
CA HIS A 192 -17.77 0.11 -0.45
C HIS A 192 -16.81 -0.69 0.41
N SER A 193 -17.15 -0.80 1.69
CA SER A 193 -16.26 -1.44 2.65
C SER A 193 -16.07 -2.94 2.44
N GLU A 194 -16.91 -3.56 1.61
CA GLU A 194 -16.68 -4.96 1.26
C GLU A 194 -15.41 -5.17 0.40
N PHE A 195 -14.94 -4.11 -0.23
CA PHE A 195 -13.80 -4.17 -1.16
C PHE A 195 -12.70 -3.19 -0.76
N VAL A 196 -13.09 -2.00 -0.31
CA VAL A 196 -12.14 -0.96 0.03
C VAL A 196 -11.63 -1.15 1.44
N VAL A 197 -10.33 -1.32 1.58
CA VAL A 197 -9.74 -1.64 2.88
C VAL A 197 -9.02 -0.46 3.54
N GLY A 198 -8.93 0.67 2.85
CA GLY A 198 -8.26 1.82 3.42
C GLY A 198 -7.91 2.83 2.35
N PHE A 199 -6.90 3.63 2.68
CA PHE A 199 -6.54 4.81 1.92
C PHE A 199 -5.07 4.90 1.65
N ILE A 200 -4.77 5.54 0.53
CA ILE A 200 -3.49 6.24 0.36
C ILE A 200 -3.78 7.68 0.80
N SER A 201 -3.02 8.15 1.79
CA SER A 201 -3.25 9.49 2.34
C SER A 201 -1.97 9.94 3.04
N GLY A 202 -1.90 11.21 3.41
CA GLY A 202 -0.74 11.71 4.16
C GLY A 202 -0.94 11.65 5.67
N SER A 203 -2.12 11.23 6.11
N SER A 203 -2.17 11.37 6.09
CA SER A 203 -2.54 11.37 7.50
CA SER A 203 -2.54 11.34 7.50
C SER A 203 -3.77 10.48 7.68
C SER A 203 -3.66 10.33 7.70
N ARG A 204 -4.13 10.23 8.94
CA ARG A 204 -5.39 9.57 9.25
C ARG A 204 -6.51 10.44 8.69
N VAL A 205 -7.37 9.85 7.85
CA VAL A 205 -8.50 10.56 7.28
C VAL A 205 -9.84 9.98 7.73
N SER A 206 -9.82 8.73 8.20
CA SER A 206 -11.01 8.09 8.76
C SER A 206 -10.76 7.74 10.21
N MET A 207 -11.80 7.91 11.04
N MET A 207 -11.79 7.92 11.05
CA MET A 207 -11.70 7.57 12.45
CA MET A 207 -11.70 7.51 12.44
C MET A 207 -11.95 6.08 12.69
C MET A 207 -12.26 6.10 12.67
N LYS A 208 -12.48 5.42 11.67
N LYS A 208 -12.54 5.38 11.58
CA LYS A 208 -12.91 4.03 11.80
CA LYS A 208 -12.92 3.98 11.71
C LYS A 208 -11.71 3.08 11.69
C LYS A 208 -11.64 3.13 11.70
N PRO A 209 -11.39 2.36 12.77
CA PRO A 209 -10.12 1.61 12.85
C PRO A 209 -10.02 0.42 11.91
N GLU A 210 -11.13 0.08 11.26
N GLU A 210 -11.12 0.05 11.25
CA GLU A 210 -11.16 -0.98 10.24
CA GLU A 210 -11.06 -1.03 10.27
C GLU A 210 -10.32 -0.61 9.01
C GLU A 210 -10.44 -0.60 8.94
N PHE A 211 -10.20 0.70 8.77
CA PHE A 211 -9.53 1.21 7.57
C PHE A 211 -8.03 1.37 7.81
N LEU A 212 -7.25 0.91 6.83
CA LEU A 212 -5.80 1.14 6.85
C LEU A 212 -5.45 2.47 6.25
N HIS A 213 -4.42 3.14 6.77
CA HIS A 213 -3.86 4.35 6.16
C HIS A 213 -2.43 4.04 5.74
N LEU A 214 -2.15 4.16 4.43
CA LEU A 214 -0.79 4.00 3.90
C LEU A 214 -0.31 5.31 3.31
N THR A 215 0.92 5.69 3.67
CA THR A 215 1.41 7.02 3.32
C THR A 215 2.72 6.98 2.54
N PRO A 216 2.67 7.38 1.25
CA PRO A 216 3.88 7.61 0.48
C PRO A 216 4.35 9.05 0.66
N GLY A 217 5.51 9.36 0.09
CA GLY A 217 6.17 10.65 0.38
C GLY A 217 6.90 10.62 1.72
N VAL A 218 7.69 9.56 1.94
CA VAL A 218 8.36 9.37 3.22
C VAL A 218 9.87 9.19 2.99
N GLN A 219 10.66 10.01 3.73
CA GLN A 219 12.11 9.84 3.83
C GLN A 219 12.53 10.28 5.23
N LEU A 220 13.69 9.79 5.68
CA LEU A 220 14.15 10.24 6.99
C LEU A 220 14.55 11.70 6.99
N GLU A 221 15.12 12.19 5.89
CA GLU A 221 15.56 13.59 5.79
C GLU A 221 14.51 14.42 5.08
N ALA A 222 14.49 15.71 5.40
CA ALA A 222 13.62 16.68 4.75
C ALA A 222 14.00 16.80 3.30
N GLY A 223 12.99 17.04 2.47
CA GLY A 223 13.27 17.28 1.07
C GLY A 223 12.10 16.91 0.19
N GLY A 224 12.48 16.66 -1.06
CA GLY A 224 11.51 16.39 -2.13
C GLY A 224 12.30 15.94 -3.33
N ASP A 225 11.64 15.87 -4.48
CA ASP A 225 12.38 15.70 -5.72
C ASP A 225 12.13 16.90 -6.64
N ASN A 226 12.63 16.83 -7.86
CA ASN A 226 12.53 17.98 -8.78
C ASN A 226 11.26 17.94 -9.63
N LEU A 227 10.37 17.00 -9.33
CA LEU A 227 9.13 16.83 -10.08
C LEU A 227 7.97 16.74 -9.11
N GLY A 228 8.04 17.52 -8.05
CA GLY A 228 6.88 17.73 -7.19
C GLY A 228 6.70 16.80 -6.00
N GLN A 229 7.54 15.79 -5.85
CA GLN A 229 7.41 14.92 -4.66
C GLN A 229 7.82 15.70 -3.41
N GLN A 230 7.11 15.49 -2.30
CA GLN A 230 7.44 16.07 -1.00
C GLN A 230 7.61 14.94 0.00
N TYR A 231 8.59 15.04 0.89
CA TYR A 231 8.85 14.01 1.89
C TYR A 231 8.57 14.50 3.30
N ASN A 232 8.04 13.59 4.11
CA ASN A 232 7.92 13.79 5.55
C ASN A 232 8.49 12.54 6.21
N SER A 233 8.84 12.66 7.48
CA SER A 233 9.54 11.56 8.15
C SER A 233 8.55 10.52 8.67
N PRO A 234 9.02 9.30 8.90
CA PRO A 234 8.16 8.30 9.55
C PRO A 234 7.56 8.74 10.88
N GLN A 235 8.36 9.43 11.70
CA GLN A 235 7.85 9.89 12.97
C GLN A 235 6.71 10.90 12.74
N GLU A 236 6.87 11.79 11.78
CA GLU A 236 5.79 12.73 11.47
C GLU A 236 4.50 12.02 10.98
N VAL A 237 4.70 11.12 10.03
N VAL A 237 4.62 11.13 10.01
CA VAL A 237 3.61 10.47 9.31
CA VAL A 237 3.40 10.59 9.40
C VAL A 237 2.82 9.50 10.20
C VAL A 237 2.74 9.48 10.23
N ILE A 238 3.54 8.65 10.90
CA ILE A 238 2.97 7.61 11.77
C ILE A 238 2.63 8.22 13.13
N GLY A 239 3.61 8.88 13.73
CA GLY A 239 3.47 9.38 15.10
C GLY A 239 2.57 10.58 15.26
N LYS A 240 2.72 11.59 14.41
CA LYS A 240 1.91 12.79 14.53
C LYS A 240 0.65 12.80 13.68
N ARG A 241 0.74 12.26 12.46
CA ARG A 241 -0.39 12.35 11.54
C ARG A 241 -1.32 11.13 11.62
N GLY A 242 -0.90 10.11 12.36
CA GLY A 242 -1.77 8.97 12.64
C GLY A 242 -1.91 7.90 11.56
N SER A 243 -1.03 7.90 10.57
N SER A 243 -1.03 7.91 10.57
CA SER A 243 -1.08 6.86 9.54
CA SER A 243 -1.04 6.86 9.54
C SER A 243 -0.52 5.52 10.03
C SER A 243 -0.62 5.50 10.09
N ASP A 244 -0.85 4.44 9.32
CA ASP A 244 -0.45 3.10 9.76
C ASP A 244 0.84 2.56 9.17
N ILE A 245 1.05 2.81 7.87
CA ILE A 245 2.12 2.20 7.11
C ILE A 245 2.82 3.28 6.31
N ILE A 246 4.15 3.23 6.28
CA ILE A 246 4.91 4.11 5.39
C ILE A 246 5.25 3.36 4.11
N ILE A 247 5.13 4.09 3.00
CA ILE A 247 5.53 3.60 1.68
C ILE A 247 6.81 4.34 1.28
N VAL A 248 7.89 3.59 1.08
CA VAL A 248 9.20 4.22 0.83
C VAL A 248 9.82 3.61 -0.42
N GLY A 249 10.11 4.48 -1.39
CA GLY A 249 10.81 4.07 -2.62
C GLY A 249 12.28 4.47 -2.56
N ARG A 250 12.59 5.62 -3.16
CA ARG A 250 13.98 6.08 -3.31
C ARG A 250 14.79 6.16 -2.01
N GLY A 251 14.14 6.44 -0.88
CA GLY A 251 14.86 6.45 0.40
C GLY A 251 15.56 5.13 0.67
N ILE A 252 14.99 4.04 0.16
CA ILE A 252 15.59 2.73 0.24
C ILE A 252 16.31 2.38 -1.05
N ILE A 253 15.62 2.50 -2.19
CA ILE A 253 16.12 1.96 -3.45
C ILE A 253 17.43 2.61 -3.90
N SER A 254 17.59 3.90 -3.63
CA SER A 254 18.82 4.60 -4.06
C SER A 254 19.98 4.43 -3.09
N ALA A 255 19.72 3.86 -1.91
CA ALA A 255 20.79 3.64 -0.93
C ALA A 255 21.73 2.53 -1.39
N ALA A 256 22.99 2.57 -0.94
CA ALA A 256 23.91 1.49 -1.29
C ALA A 256 23.47 0.17 -0.69
N ASP A 257 23.25 0.18 0.63
CA ASP A 257 22.79 -1.01 1.32
C ASP A 257 21.28 -0.89 1.53
N ARG A 258 20.52 -1.51 0.63
CA ARG A 258 19.07 -1.40 0.68
C ARG A 258 18.47 -2.18 1.87
N LEU A 259 19.16 -3.21 2.34
CA LEU A 259 18.67 -3.93 3.51
C LEU A 259 18.78 -3.09 4.77
N GLU A 260 19.92 -2.46 4.99
N GLU A 260 19.94 -2.48 4.98
CA GLU A 260 20.06 -1.61 6.17
CA GLU A 260 20.12 -1.58 6.12
C GLU A 260 19.14 -0.40 6.08
C GLU A 260 19.11 -0.45 6.06
N ALA A 261 18.95 0.13 4.87
CA ALA A 261 18.01 1.25 4.72
C ALA A 261 16.59 0.80 5.08
N ALA A 262 16.17 -0.36 4.59
CA ALA A 262 14.85 -0.87 4.93
C ALA A 262 14.70 -1.07 6.44
N GLU A 263 15.75 -1.59 7.09
CA GLU A 263 15.69 -1.77 8.54
C GLU A 263 15.59 -0.45 9.28
N MET A 264 16.30 0.59 8.82
N MET A 264 16.28 0.60 8.82
CA MET A 264 16.16 1.92 9.40
CA MET A 264 16.14 1.91 9.45
C MET A 264 14.72 2.41 9.33
C MET A 264 14.72 2.48 9.31
N TYR A 265 14.11 2.29 8.15
CA TYR A 265 12.73 2.73 7.95
C TYR A 265 11.74 1.88 8.75
N ARG A 266 11.99 0.57 8.83
CA ARG A 266 11.12 -0.30 9.60
C ARG A 266 11.13 0.12 11.08
N LYS A 267 12.33 0.29 11.62
CA LYS A 267 12.43 0.64 13.04
C LYS A 267 11.81 2.00 13.31
N ALA A 268 12.00 2.94 12.38
CA ALA A 268 11.41 4.27 12.58
C ALA A 268 9.88 4.19 12.60
N ALA A 269 9.29 3.54 11.61
CA ALA A 269 7.83 3.48 11.55
C ALA A 269 7.25 2.65 12.70
N TRP A 270 7.94 1.57 13.07
CA TRP A 270 7.40 0.70 14.12
C TRP A 270 7.41 1.41 15.47
N GLU A 271 8.53 2.05 15.79
N GLU A 271 8.53 2.03 15.81
CA GLU A 271 8.64 2.76 17.06
CA GLU A 271 8.61 2.75 17.08
C GLU A 271 7.69 3.96 17.13
C GLU A 271 7.61 3.92 17.13
N ALA A 272 7.44 4.63 16.02
CA ALA A 272 6.45 5.69 15.96
C ALA A 272 5.05 5.16 16.25
N TYR A 273 4.75 3.99 15.70
CA TYR A 273 3.48 3.33 15.97
C TYR A 273 3.36 2.97 17.46
N LEU A 274 4.38 2.32 18.02
CA LEU A 274 4.34 1.95 19.44
C LEU A 274 4.13 3.15 20.35
N SER A 275 4.81 4.25 20.03
N SER A 275 4.85 4.23 20.06
CA SER A 275 4.77 5.45 20.87
CA SER A 275 4.77 5.43 20.88
C SER A 275 3.44 6.19 20.80
C SER A 275 3.35 5.98 20.88
N ARG A 276 2.73 6.01 19.70
CA ARG A 276 1.38 6.55 19.52
C ARG A 276 0.37 5.70 20.30
N LEU A 277 0.63 4.40 20.39
CA LEU A 277 -0.23 3.43 21.07
C LEU A 277 -0.16 3.58 22.59
N GLY A 278 1.00 4.03 23.09
CA GLY A 278 1.27 4.15 24.52
C GLY A 278 2.48 3.34 24.98
N VAL A 279 3.05 2.58 24.05
CA VAL A 279 4.15 1.65 24.33
C VAL A 279 5.51 2.35 24.30
OP3 UFT B . 9.12 9.06 -3.71
P UFT B . 9.40 7.61 -3.49
OP1 UFT B . 9.53 7.25 -2.02
OP2 UFT B . 10.53 7.10 -4.33
O5' UFT B . 8.14 6.74 -4.05
N1 UFT B . 2.87 7.83 -5.17
C6 UFT B . 1.52 7.67 -5.33
C2 UFT B . 3.36 8.84 -4.40
O2 UFT B . 4.59 9.03 -4.31
N3 UFT B . 2.50 9.67 -3.80
C4 UFT B . 1.16 9.54 -3.89
O4 UFT B . 0.44 10.33 -3.22
C5 UFT B . 0.62 8.50 -4.68
F2' UFT B . 4.48 6.43 -7.73
C2' UFT B . 4.93 7.00 -6.57
C5' UFT B . 6.79 7.15 -3.81
C4' UFT B . 5.91 6.14 -4.55
O4' UFT B . 4.51 6.35 -4.33
C1' UFT B . 3.82 6.80 -5.60
C3' UFT B . 6.10 6.17 -6.05
O3' UFT B . 6.09 4.83 -6.58
C1 GOL C . 1.30 -13.51 0.56
O1 GOL C . 1.24 -12.96 1.86
C2 GOL C . 0.46 -12.64 -0.36
O2 GOL C . -0.90 -12.96 -0.19
C3 GOL C . 0.88 -12.81 -1.82
O3 GOL C . 0.50 -14.08 -2.30
#